data_4H22
#
_entry.id   4H22
#
_cell.length_a   152.363
_cell.length_b   71.447
_cell.length_c   68.035
_cell.angle_alpha   90.00
_cell.angle_beta   110.10
_cell.angle_gamma   90.00
#
_symmetry.space_group_name_H-M   'C 1 2 1'
#
loop_
_entity.id
_entity.type
_entity.pdbx_description
1 polymer 'Leucine-rich repeat flightless-interacting protein 1'
2 water water
#
_entity_poly.entity_id   1
_entity_poly.type   'polypeptide(L)'
_entity_poly.pdbx_seq_one_letter_code
;MDSLAEVEEKYKKAMVSNAQLDNEKTNFMYQVDTLKDMLLELEEQLAESRRQYEEKNKEFEREKHAHSILQFQFAEVKEA
LKQREEMLEPKLAAALEHHHHHH
;
_entity_poly.pdbx_strand_id   A,B,C,D
#
# COMPACT_ATOMS: atom_id res chain seq x y z
N GLU A 8 -38.83 32.51 3.88
CA GLU A 8 -37.67 32.92 4.73
C GLU A 8 -37.54 32.05 5.98
N GLU A 9 -38.19 30.89 5.97
CA GLU A 9 -38.20 29.97 7.12
C GLU A 9 -37.35 28.72 6.86
N LYS A 10 -37.40 28.25 5.60
CA LYS A 10 -36.57 27.12 5.16
C LYS A 10 -35.16 27.60 4.83
N TYR A 11 -35.00 28.93 4.74
CA TYR A 11 -33.71 29.56 4.53
C TYR A 11 -32.69 29.18 5.58
N LYS A 12 -33.17 28.90 6.79
CA LYS A 12 -32.36 28.32 7.85
C LYS A 12 -31.78 26.99 7.36
N LYS A 13 -32.66 26.13 6.86
CA LYS A 13 -32.29 24.76 6.51
C LYS A 13 -31.50 24.67 5.20
N ALA A 14 -31.65 25.68 4.35
CA ALA A 14 -30.87 25.76 3.12
C ALA A 14 -29.42 26.04 3.46
N MET A 15 -29.21 26.88 4.47
CA MET A 15 -27.88 27.18 4.96
C MET A 15 -27.22 26.01 5.67
N VAL A 16 -28.01 25.20 6.38
CA VAL A 16 -27.50 24.02 7.07
C VAL A 16 -27.08 22.98 6.04
N SER A 17 -27.95 22.76 5.06
CA SER A 17 -27.68 21.84 3.97
C SER A 17 -26.42 22.29 3.23
N ASN A 18 -26.24 23.60 3.15
CA ASN A 18 -25.10 24.19 2.46
C ASN A 18 -23.76 23.93 3.14
N ALA A 19 -23.70 24.20 4.45
CA ALA A 19 -22.51 23.95 5.25
C ALA A 19 -22.14 22.48 5.28
N GLN A 20 -23.15 21.62 5.37
CA GLN A 20 -22.99 20.17 5.23
C GLN A 20 -22.25 19.83 3.94
N LEU A 21 -22.84 20.21 2.81
CA LEU A 21 -22.30 19.89 1.51
C LEU A 21 -20.87 20.38 1.35
N ASP A 22 -20.59 21.58 1.86
CA ASP A 22 -19.27 22.18 1.76
C ASP A 22 -18.27 21.26 2.45
N ASN A 23 -18.66 20.80 3.63
CA ASN A 23 -17.82 19.93 4.41
C ASN A 23 -17.59 18.56 3.77
N GLU A 24 -18.65 17.96 3.25
CA GLU A 24 -18.56 16.72 2.48
C GLU A 24 -17.55 16.86 1.35
N LYS A 25 -17.59 18.02 0.69
CA LYS A 25 -16.66 18.32 -0.40
C LYS A 25 -15.21 18.32 0.10
N THR A 26 -15.00 18.86 1.29
CA THR A 26 -13.67 18.93 1.86
C THR A 26 -13.14 17.53 2.16
N ASN A 27 -14.00 16.67 2.71
CA ASN A 27 -13.58 15.33 3.06
C ASN A 27 -13.22 14.50 1.84
N PHE A 28 -13.97 14.72 0.76
CA PHE A 28 -13.62 14.09 -0.51
C PHE A 28 -12.28 14.61 -1.01
N MET A 29 -12.02 15.89 -0.82
CA MET A 29 -10.73 16.45 -1.21
C MET A 29 -9.56 15.73 -0.54
N TYR A 30 -9.62 15.58 0.77
CA TYR A 30 -8.57 14.89 1.49
C TYR A 30 -8.40 13.47 0.99
N GLN A 31 -9.52 12.81 0.72
CA GLN A 31 -9.47 11.47 0.17
C GLN A 31 -8.69 11.40 -1.13
N VAL A 32 -8.96 12.35 -2.03
CA VAL A 32 -8.27 12.41 -3.32
C VAL A 32 -6.78 12.49 -3.07
N ASP A 33 -6.39 13.37 -2.15
CA ASP A 33 -4.98 13.52 -1.82
C ASP A 33 -4.35 12.22 -1.41
N THR A 34 -4.97 11.53 -0.45
CA THR A 34 -4.27 10.39 0.14
C THR A 34 -4.27 9.20 -0.80
N LEU A 35 -5.33 9.11 -1.61
CA LEU A 35 -5.41 8.08 -2.62
C LEU A 35 -4.31 8.30 -3.65
N LYS A 36 -4.15 9.54 -4.07
CA LYS A 36 -3.08 9.89 -4.98
C LYS A 36 -1.71 9.44 -4.47
N ASP A 37 -1.47 9.62 -3.17
CA ASP A 37 -0.23 9.18 -2.55
C ASP A 37 -0.13 7.66 -2.62
N MET A 38 -1.15 6.98 -2.11
CA MET A 38 -1.18 5.52 -2.13
C MET A 38 -0.87 4.98 -3.52
N LEU A 39 -1.57 5.50 -4.53
CA LEU A 39 -1.35 5.09 -5.90
C LEU A 39 0.13 5.23 -6.30
N LEU A 40 0.73 6.37 -5.99
CA LEU A 40 2.12 6.61 -6.34
C LEU A 40 3.02 5.57 -5.68
N GLU A 41 2.82 5.36 -4.38
CA GLU A 41 3.52 4.34 -3.61
C GLU A 41 3.33 2.94 -4.22
N LEU A 42 2.17 2.73 -4.83
CA LEU A 42 1.84 1.40 -5.33
C LEU A 42 2.53 1.06 -6.64
N GLU A 43 2.48 1.96 -7.63
CA GLU A 43 3.19 1.68 -8.88
C GLU A 43 4.69 1.63 -8.69
N GLU A 44 5.19 2.35 -7.68
CA GLU A 44 6.55 2.13 -7.22
C GLU A 44 6.78 0.64 -6.92
N GLN A 45 5.92 0.05 -6.09
CA GLN A 45 6.03 -1.36 -5.70
C GLN A 45 5.85 -2.29 -6.88
N LEU A 46 4.75 -2.10 -7.61
CA LEU A 46 4.47 -2.88 -8.80
C LEU A 46 5.68 -2.90 -9.69
N ALA A 47 6.21 -1.72 -10.01
CA ALA A 47 7.36 -1.59 -10.89
C ALA A 47 8.55 -2.39 -10.37
N GLU A 48 8.86 -2.19 -9.08
CA GLU A 48 9.93 -2.95 -8.44
C GLU A 48 9.73 -4.44 -8.66
N SER A 49 8.60 -4.97 -8.22
CA SER A 49 8.24 -6.37 -8.43
C SER A 49 8.47 -6.81 -9.88
N ARG A 50 7.95 -6.05 -10.84
CA ARG A 50 8.16 -6.37 -12.25
C ARG A 50 9.64 -6.41 -12.63
N ARG A 51 10.40 -5.48 -12.08
CA ARG A 51 11.84 -5.45 -12.28
C ARG A 51 12.51 -6.70 -11.65
N GLN A 52 12.07 -7.05 -10.44
CA GLN A 52 12.59 -8.22 -9.71
C GLN A 52 12.35 -9.50 -10.48
N TYR A 53 11.18 -9.59 -11.08
CA TYR A 53 10.85 -10.71 -11.95
C TYR A 53 11.84 -10.78 -13.12
N GLU A 54 12.05 -9.64 -13.78
CA GLU A 54 12.89 -9.61 -14.97
C GLU A 54 14.30 -10.08 -14.70
N GLU A 55 14.83 -9.74 -13.52
CA GLU A 55 16.15 -10.21 -13.14
C GLU A 55 16.19 -11.71 -12.88
N LYS A 56 15.16 -12.24 -12.22
CA LYS A 56 15.07 -13.68 -11.98
C LYS A 56 14.95 -14.48 -13.27
N ASN A 57 14.01 -14.10 -14.12
CA ASN A 57 13.88 -14.78 -15.39
C ASN A 57 15.25 -14.88 -16.07
N LYS A 58 15.96 -13.76 -16.18
CA LYS A 58 17.34 -13.77 -16.69
C LYS A 58 18.19 -14.80 -15.92
N GLU A 59 18.16 -14.69 -14.58
CA GLU A 59 18.96 -15.54 -13.71
C GLU A 59 18.70 -17.02 -13.96
N PHE A 60 17.45 -17.33 -14.28
CA PHE A 60 17.00 -18.70 -14.49
C PHE A 60 17.45 -19.23 -15.86
N GLU A 61 17.48 -18.32 -16.84
CA GLU A 61 17.96 -18.66 -18.16
C GLU A 61 19.45 -18.95 -18.09
N ARG A 62 20.16 -18.06 -17.41
CA ARG A 62 21.58 -18.26 -17.15
C ARG A 62 21.81 -19.63 -16.53
N GLU A 63 21.03 -19.96 -15.49
CA GLU A 63 21.25 -21.19 -14.76
C GLU A 63 21.03 -22.39 -15.66
N LYS A 64 19.82 -22.51 -16.23
CA LYS A 64 19.54 -23.54 -17.25
C LYS A 64 20.66 -23.70 -18.27
N HIS A 65 21.15 -22.58 -18.80
CA HIS A 65 22.18 -22.61 -19.82
C HIS A 65 23.46 -23.25 -19.32
N ALA A 66 24.00 -22.71 -18.23
CA ALA A 66 25.18 -23.28 -17.57
C ALA A 66 24.97 -24.77 -17.24
N HIS A 67 23.76 -25.10 -16.80
CA HIS A 67 23.41 -26.44 -16.39
C HIS A 67 23.45 -27.41 -17.53
N SER A 68 23.14 -26.93 -18.74
CA SER A 68 23.28 -27.73 -19.95
C SER A 68 24.73 -27.98 -20.28
N ILE A 69 25.51 -26.90 -20.37
CA ILE A 69 26.93 -26.98 -20.66
C ILE A 69 27.58 -28.07 -19.82
N LEU A 70 27.35 -28.01 -18.51
CA LEU A 70 27.86 -29.01 -17.59
C LEU A 70 27.38 -30.40 -17.97
N GLN A 71 26.08 -30.56 -18.19
CA GLN A 71 25.49 -31.86 -18.50
C GLN A 71 26.21 -32.56 -19.65
N PHE A 72 26.66 -31.78 -20.63
CA PHE A 72 27.39 -32.35 -21.76
C PHE A 72 28.79 -32.75 -21.33
N GLN A 73 29.46 -31.85 -20.60
CA GLN A 73 30.79 -32.11 -20.07
C GLN A 73 30.79 -33.35 -19.19
N PHE A 74 29.83 -33.44 -18.27
CA PHE A 74 29.71 -34.60 -17.41
C PHE A 74 29.53 -35.87 -18.21
N ALA A 75 28.64 -35.84 -19.19
CA ALA A 75 28.35 -37.00 -20.03
C ALA A 75 29.60 -37.52 -20.73
N GLU A 76 30.47 -36.61 -21.15
CA GLU A 76 31.73 -36.96 -21.78
C GLU A 76 32.73 -37.54 -20.79
N VAL A 77 32.86 -36.88 -19.64
CA VAL A 77 33.84 -37.28 -18.64
C VAL A 77 33.41 -38.54 -17.89
N LYS A 78 32.11 -38.84 -17.87
CA LYS A 78 31.65 -40.08 -17.24
C LYS A 78 31.80 -41.29 -18.17
N GLU A 79 31.77 -41.04 -19.48
CA GLU A 79 31.98 -42.10 -20.46
C GLU A 79 33.46 -42.32 -20.76
N ALA A 80 34.26 -41.27 -20.61
CA ALA A 80 35.70 -41.39 -20.70
C ALA A 80 36.28 -42.10 -19.47
N LEU A 81 35.52 -42.11 -18.37
CA LEU A 81 35.92 -42.81 -17.15
C LEU A 81 35.50 -44.27 -17.13
N LYS A 82 34.40 -44.58 -17.80
CA LYS A 82 33.93 -45.97 -17.86
C LYS A 82 34.92 -46.87 -18.61
N GLN A 83 35.60 -46.30 -19.61
CA GLN A 83 36.58 -47.02 -20.42
C GLN A 83 37.92 -47.26 -19.71
N ARG A 84 38.05 -46.72 -18.50
CA ARG A 84 39.24 -46.92 -17.68
C ARG A 84 38.91 -47.49 -16.28
N GLU A 85 37.67 -47.95 -16.12
CA GLU A 85 37.26 -48.72 -14.95
C GLU A 85 36.75 -50.09 -15.37
N GLU A 86 36.33 -50.20 -16.62
CA GLU A 86 36.09 -51.49 -17.26
C GLU A 86 37.41 -52.12 -17.69
N MET A 87 38.48 -51.33 -17.59
CA MET A 87 39.84 -51.81 -17.87
C MET A 87 40.50 -52.37 -16.60
N LEU A 88 39.84 -52.19 -15.45
CA LEU A 88 40.38 -52.64 -14.16
C LEU A 88 39.53 -53.71 -13.48
N VAL B 7 -35.74 36.57 3.10
CA VAL B 7 -35.52 37.48 1.93
C VAL B 7 -35.36 36.67 0.65
N GLU B 8 -36.11 37.06 -0.38
CA GLU B 8 -36.04 36.41 -1.68
C GLU B 8 -34.60 36.24 -2.18
N GLU B 9 -33.85 37.34 -2.21
CA GLU B 9 -32.51 37.35 -2.80
C GLU B 9 -31.45 36.56 -2.02
N LYS B 10 -31.56 36.55 -0.69
CA LYS B 10 -30.64 35.76 0.14
C LYS B 10 -30.90 34.25 -0.03
N TYR B 11 -32.18 33.86 0.04
CA TYR B 11 -32.59 32.47 -0.17
C TYR B 11 -32.30 31.99 -1.58
N LYS B 12 -32.47 32.88 -2.57
CA LYS B 12 -32.16 32.56 -3.95
C LYS B 12 -30.72 32.10 -4.06
N LYS B 13 -29.80 33.01 -3.75
CA LYS B 13 -28.36 32.71 -3.82
C LYS B 13 -28.02 31.43 -3.08
N ALA B 14 -28.76 31.14 -2.01
CA ALA B 14 -28.54 29.96 -1.17
C ALA B 14 -28.81 28.64 -1.91
N MET B 15 -30.00 28.51 -2.48
CA MET B 15 -30.34 27.31 -3.26
C MET B 15 -29.60 27.29 -4.59
N VAL B 16 -29.15 28.45 -5.04
CA VAL B 16 -28.26 28.54 -6.21
C VAL B 16 -26.88 28.02 -5.82
N SER B 17 -26.46 28.34 -4.61
CA SER B 17 -25.21 27.82 -4.06
C SER B 17 -25.32 26.33 -3.79
N ASN B 18 -26.48 25.91 -3.27
CA ASN B 18 -26.77 24.50 -3.03
C ASN B 18 -26.56 23.66 -4.28
N ALA B 19 -26.98 24.17 -5.43
CA ALA B 19 -26.72 23.54 -6.71
C ALA B 19 -25.22 23.54 -7.03
N GLN B 20 -24.56 24.68 -6.85
CA GLN B 20 -23.11 24.78 -7.04
C GLN B 20 -22.39 23.68 -6.27
N LEU B 21 -22.75 23.52 -5.00
CA LEU B 21 -22.06 22.60 -4.13
C LEU B 21 -22.38 21.16 -4.47
N ASP B 22 -23.66 20.82 -4.48
CA ASP B 22 -24.10 19.45 -4.73
C ASP B 22 -23.47 18.85 -5.99
N ASN B 23 -23.33 19.67 -7.02
CA ASN B 23 -22.65 19.27 -8.24
C ASN B 23 -21.12 19.16 -8.12
N GLU B 24 -20.51 20.08 -7.39
CA GLU B 24 -19.09 19.97 -7.09
C GLU B 24 -18.82 18.73 -6.25
N LYS B 25 -19.74 18.43 -5.34
CA LYS B 25 -19.62 17.24 -4.50
C LYS B 25 -19.64 15.95 -5.32
N THR B 26 -20.64 15.78 -6.16
CA THR B 26 -20.72 14.53 -6.91
C THR B 26 -19.53 14.38 -7.86
N ASN B 27 -18.94 15.49 -8.28
CA ASN B 27 -17.73 15.41 -9.09
C ASN B 27 -16.55 14.84 -8.30
N PHE B 28 -16.33 15.37 -7.10
CA PHE B 28 -15.34 14.80 -6.20
C PHE B 28 -15.68 13.36 -5.86
N MET B 29 -16.97 13.05 -5.77
CA MET B 29 -17.40 11.69 -5.50
C MET B 29 -16.92 10.79 -6.63
N TYR B 30 -17.30 11.14 -7.85
CA TYR B 30 -16.90 10.40 -9.05
C TYR B 30 -15.38 10.35 -9.18
N GLN B 31 -14.72 11.33 -8.60
CA GLN B 31 -13.27 11.34 -8.61
C GLN B 31 -12.70 10.30 -7.66
N VAL B 32 -13.08 10.32 -6.38
CA VAL B 32 -12.51 9.35 -5.43
C VAL B 32 -12.80 7.91 -5.84
N ASP B 33 -14.01 7.66 -6.33
CA ASP B 33 -14.34 6.32 -6.73
C ASP B 33 -13.43 5.89 -7.87
N THR B 34 -13.22 6.78 -8.83
CA THR B 34 -12.30 6.50 -9.94
C THR B 34 -10.91 6.10 -9.42
N LEU B 35 -10.42 6.81 -8.41
CA LEU B 35 -9.10 6.53 -7.84
C LEU B 35 -9.15 5.23 -7.06
N LYS B 36 -10.26 5.01 -6.37
CA LYS B 36 -10.47 3.78 -5.61
C LYS B 36 -10.36 2.57 -6.51
N ASP B 37 -11.01 2.65 -7.67
CA ASP B 37 -10.97 1.58 -8.68
C ASP B 37 -9.55 1.30 -9.14
N MET B 38 -8.84 2.37 -9.51
CA MET B 38 -7.44 2.27 -9.88
C MET B 38 -6.66 1.57 -8.77
N LEU B 39 -6.92 1.96 -7.53
CA LEU B 39 -6.20 1.38 -6.42
C LEU B 39 -6.34 -0.13 -6.43
N LEU B 40 -7.58 -0.60 -6.55
CA LEU B 40 -7.82 -2.04 -6.54
C LEU B 40 -7.26 -2.73 -7.79
N GLU B 41 -7.39 -2.07 -8.94
CA GLU B 41 -6.84 -2.56 -10.20
C GLU B 41 -5.35 -2.82 -10.06
N LEU B 42 -4.64 -1.86 -9.49
CA LEU B 42 -3.21 -2.04 -9.20
C LEU B 42 -2.95 -3.17 -8.23
N GLU B 43 -3.73 -3.24 -7.14
CA GLU B 43 -3.59 -4.38 -6.23
C GLU B 43 -3.64 -5.69 -7.01
N GLU B 44 -4.61 -5.82 -7.92
CA GLU B 44 -4.69 -7.01 -8.75
C GLU B 44 -3.37 -7.25 -9.48
N GLN B 45 -2.91 -6.23 -10.19
CA GLN B 45 -1.65 -6.32 -10.93
C GLN B 45 -0.47 -6.70 -10.04
N LEU B 46 -0.34 -6.02 -8.90
CA LEU B 46 0.74 -6.33 -7.98
C LEU B 46 0.70 -7.79 -7.57
N ALA B 47 -0.51 -8.32 -7.34
CA ALA B 47 -0.64 -9.71 -6.88
C ALA B 47 -0.27 -10.68 -7.99
N GLU B 48 -0.62 -10.30 -9.22
CA GLU B 48 -0.22 -11.02 -10.41
C GLU B 48 1.32 -11.09 -10.49
N SER B 49 1.95 -9.92 -10.33
CA SER B 49 3.37 -9.80 -10.44
C SER B 49 4.10 -10.60 -9.36
N ARG B 50 3.56 -10.57 -8.13
CA ARG B 50 4.18 -11.32 -7.03
C ARG B 50 4.14 -12.84 -7.27
N ARG B 51 3.10 -13.30 -7.96
CA ARG B 51 2.99 -14.71 -8.29
C ARG B 51 4.09 -15.10 -9.27
N GLN B 52 4.22 -14.33 -10.35
CA GLN B 52 5.27 -14.52 -11.34
C GLN B 52 6.63 -14.63 -10.69
N TYR B 53 7.04 -13.56 -9.99
CA TYR B 53 8.31 -13.60 -9.30
C TYR B 53 8.47 -14.87 -8.46
N GLU B 54 7.44 -15.20 -7.68
CA GLU B 54 7.52 -16.33 -6.76
C GLU B 54 7.72 -17.64 -7.53
N GLU B 55 6.95 -17.81 -8.59
CA GLU B 55 7.00 -19.02 -9.39
C GLU B 55 8.29 -19.15 -10.20
N LYS B 56 8.82 -18.04 -10.72
CA LYS B 56 10.16 -18.04 -11.30
C LYS B 56 11.18 -18.41 -10.27
N ASN B 57 11.23 -17.65 -9.18
CA ASN B 57 12.24 -17.88 -8.16
C ASN B 57 12.25 -19.36 -7.79
N LYS B 58 11.09 -19.98 -7.79
CA LYS B 58 10.97 -21.40 -7.46
C LYS B 58 11.65 -22.27 -8.54
N GLU B 59 11.38 -21.97 -9.81
CA GLU B 59 12.07 -22.64 -10.92
C GLU B 59 13.57 -22.45 -10.81
N PHE B 60 13.98 -21.21 -10.58
CA PHE B 60 15.39 -20.86 -10.52
C PHE B 60 16.11 -21.60 -9.41
N GLU B 61 15.40 -21.85 -8.32
CA GLU B 61 15.93 -22.62 -7.21
C GLU B 61 16.10 -24.09 -7.58
N ARG B 62 15.02 -24.71 -8.03
CA ARG B 62 15.08 -26.09 -8.51
C ARG B 62 16.26 -26.28 -9.46
N GLU B 63 16.51 -25.30 -10.31
CA GLU B 63 17.60 -25.37 -11.27
C GLU B 63 18.95 -25.22 -10.58
N LYS B 64 19.12 -24.16 -9.81
CA LYS B 64 20.36 -23.92 -9.07
C LYS B 64 20.72 -25.08 -8.17
N HIS B 65 19.72 -25.79 -7.65
CA HIS B 65 19.96 -26.97 -6.82
C HIS B 65 20.45 -28.11 -7.63
N ALA B 66 19.67 -28.52 -8.65
CA ALA B 66 20.06 -29.60 -9.56
C ALA B 66 21.46 -29.39 -10.11
N HIS B 67 21.68 -28.17 -10.61
CA HIS B 67 22.97 -27.74 -11.14
C HIS B 67 24.08 -27.88 -10.15
N SER B 68 23.78 -27.63 -8.88
CA SER B 68 24.78 -27.71 -7.81
C SER B 68 25.15 -29.15 -7.51
N ILE B 69 24.19 -30.06 -7.64
CA ILE B 69 24.43 -31.50 -7.46
C ILE B 69 25.44 -32.00 -8.49
N LEU B 70 25.29 -31.60 -9.75
CA LEU B 70 26.23 -31.98 -10.80
C LEU B 70 27.64 -31.48 -10.58
N GLN B 71 27.78 -30.19 -10.27
CA GLN B 71 29.09 -29.61 -9.99
C GLN B 71 29.88 -30.48 -9.01
N PHE B 72 29.17 -31.07 -8.06
CA PHE B 72 29.75 -32.00 -7.10
C PHE B 72 30.22 -33.28 -7.77
N GLN B 73 29.29 -34.01 -8.39
CA GLN B 73 29.58 -35.29 -9.06
C GLN B 73 30.64 -35.17 -10.16
N PHE B 74 30.59 -34.08 -10.91
CA PHE B 74 31.54 -33.81 -11.98
C PHE B 74 32.94 -33.61 -11.43
N ALA B 75 33.07 -32.79 -10.39
CA ALA B 75 34.36 -32.52 -9.75
C ALA B 75 34.91 -33.79 -9.07
N GLU B 76 34.01 -34.71 -8.78
CA GLU B 76 34.36 -35.99 -8.18
C GLU B 76 34.86 -36.97 -9.24
N VAL B 77 34.14 -37.04 -10.37
CA VAL B 77 34.51 -37.90 -11.49
C VAL B 77 35.71 -37.38 -12.27
N LYS B 78 35.82 -36.06 -12.39
CA LYS B 78 37.00 -35.42 -12.98
C LYS B 78 38.29 -35.86 -12.26
N GLU B 79 38.21 -35.99 -10.94
CA GLU B 79 39.34 -36.39 -10.13
C GLU B 79 39.75 -37.83 -10.39
N ALA B 80 38.78 -38.73 -10.35
CA ALA B 80 39.00 -40.16 -10.62
C ALA B 80 39.62 -40.34 -12.01
N LEU B 81 39.04 -39.68 -13.00
CA LEU B 81 39.56 -39.70 -14.37
C LEU B 81 41.04 -39.31 -14.40
N LYS B 82 41.37 -38.24 -13.68
CA LYS B 82 42.75 -37.76 -13.61
C LYS B 82 43.67 -38.78 -12.95
N GLN B 83 43.09 -39.64 -12.10
CA GLN B 83 43.88 -40.64 -11.37
C GLN B 83 44.08 -41.93 -12.16
N ARG B 84 43.24 -42.17 -13.16
CA ARG B 84 43.41 -43.34 -14.01
C ARG B 84 44.45 -43.04 -15.08
N GLU B 85 44.51 -41.77 -15.50
CA GLU B 85 45.54 -41.28 -16.42
C GLU B 85 46.90 -41.18 -15.70
N GLU B 86 46.85 -40.90 -14.40
CA GLU B 86 48.04 -40.82 -13.56
C GLU B 86 48.64 -42.22 -13.34
N MET B 87 47.78 -43.18 -12.96
CA MET B 87 48.19 -44.54 -12.60
C MET B 87 48.96 -45.27 -13.70
N LEU B 88 48.64 -44.96 -14.95
CA LEU B 88 49.23 -45.66 -16.09
C LEU B 88 50.57 -45.05 -16.55
N GLU B 89 50.70 -43.73 -16.37
CA GLU B 89 51.96 -43.04 -16.67
C GLU B 89 52.88 -43.06 -15.44
N LYS C 10 -11.16 -42.49 -13.67
CA LYS C 10 -11.12 -41.62 -12.46
C LYS C 10 -11.96 -40.35 -12.65
N TYR C 11 -13.25 -40.56 -12.96
CA TYR C 11 -14.19 -39.44 -13.15
C TYR C 11 -14.81 -38.99 -11.83
N LYS C 12 -15.19 -39.94 -10.98
CA LYS C 12 -15.78 -39.65 -9.67
C LYS C 12 -14.76 -39.07 -8.70
N LYS C 13 -13.51 -39.51 -8.82
CA LYS C 13 -12.40 -38.99 -8.01
C LYS C 13 -12.05 -37.54 -8.39
N ALA C 14 -12.28 -37.19 -9.65
CA ALA C 14 -12.04 -35.84 -10.14
C ALA C 14 -13.24 -34.90 -9.93
N MET C 15 -14.43 -35.47 -9.75
CA MET C 15 -15.64 -34.69 -9.57
C MET C 15 -15.79 -34.10 -8.16
N VAL C 16 -15.48 -34.90 -7.14
CA VAL C 16 -15.45 -34.39 -5.76
C VAL C 16 -14.26 -33.43 -5.55
N SER C 17 -13.23 -33.62 -6.37
CA SER C 17 -12.06 -32.74 -6.41
C SER C 17 -12.42 -31.38 -7.02
N ASN C 18 -13.39 -31.37 -7.93
CA ASN C 18 -13.87 -30.15 -8.57
C ASN C 18 -14.69 -29.28 -7.63
N ALA C 19 -15.69 -29.88 -6.98
CA ALA C 19 -16.51 -29.22 -5.98
C ALA C 19 -15.64 -28.58 -4.89
N GLN C 20 -14.70 -29.35 -4.37
CA GLN C 20 -13.74 -28.86 -3.36
C GLN C 20 -12.90 -27.68 -3.85
N LEU C 21 -12.43 -27.73 -5.09
CA LEU C 21 -11.68 -26.62 -5.67
C LEU C 21 -12.58 -25.41 -5.90
N ASP C 22 -13.81 -25.68 -6.33
CA ASP C 22 -14.81 -24.63 -6.45
C ASP C 22 -15.11 -23.98 -5.10
N ASN C 23 -15.25 -24.83 -4.08
CA ASN C 23 -15.44 -24.37 -2.69
C ASN C 23 -14.26 -23.50 -2.23
N GLU C 24 -13.05 -24.03 -2.37
CA GLU C 24 -11.85 -23.32 -1.99
C GLU C 24 -11.75 -21.98 -2.74
N LYS C 25 -12.05 -21.99 -4.03
CA LYS C 25 -12.01 -20.76 -4.84
C LYS C 25 -12.95 -19.72 -4.26
N THR C 26 -14.23 -20.09 -4.15
CA THR C 26 -15.26 -19.12 -3.80
C THR C 26 -15.02 -18.56 -2.40
N ASN C 27 -14.56 -19.39 -1.47
CA ASN C 27 -14.14 -18.93 -0.14
C ASN C 27 -13.18 -17.77 -0.28
N PHE C 28 -12.11 -18.01 -1.03
CA PHE C 28 -11.09 -17.01 -1.27
C PHE C 28 -11.65 -15.75 -1.91
N MET C 29 -12.61 -15.90 -2.82
CA MET C 29 -13.23 -14.74 -3.42
C MET C 29 -13.86 -13.85 -2.35
N TYR C 30 -14.70 -14.45 -1.51
CA TYR C 30 -15.28 -13.77 -0.37
C TYR C 30 -14.25 -13.01 0.45
N GLN C 31 -13.13 -13.69 0.75
CA GLN C 31 -12.10 -13.12 1.61
C GLN C 31 -11.50 -11.90 0.95
N VAL C 32 -11.16 -12.07 -0.33
CA VAL C 32 -10.65 -11.00 -1.17
C VAL C 32 -11.62 -9.81 -1.20
N ASP C 33 -12.90 -10.08 -1.43
CA ASP C 33 -13.91 -9.02 -1.43
C ASP C 33 -13.96 -8.20 -0.13
N THR C 34 -13.99 -8.86 1.01
CA THR C 34 -14.09 -8.09 2.26
C THR C 34 -12.77 -7.41 2.61
N LEU C 35 -11.67 -7.99 2.12
CA LEU C 35 -10.36 -7.35 2.32
C LEU C 35 -10.26 -6.07 1.50
N LYS C 36 -10.76 -6.12 0.27
CA LYS C 36 -10.83 -4.91 -0.55
C LYS C 36 -11.66 -3.86 0.17
N ASP C 37 -12.80 -4.28 0.73
CA ASP C 37 -13.69 -3.37 1.46
C ASP C 37 -12.98 -2.75 2.65
N MET C 38 -12.36 -3.61 3.45
CA MET C 38 -11.55 -3.15 4.57
C MET C 38 -10.54 -2.10 4.11
N LEU C 39 -9.72 -2.46 3.13
CA LEU C 39 -8.70 -1.52 2.58
C LEU C 39 -9.26 -0.12 2.31
N LEU C 40 -10.39 -0.05 1.59
CA LEU C 40 -11.01 1.24 1.34
C LEU C 40 -11.34 1.94 2.65
N GLU C 41 -12.11 1.28 3.53
CA GLU C 41 -12.42 1.86 4.84
C GLU C 41 -11.17 2.44 5.50
N LEU C 42 -10.11 1.65 5.55
CA LEU C 42 -8.89 2.10 6.19
C LEU C 42 -8.31 3.33 5.51
N GLU C 43 -8.46 3.44 4.19
CA GLU C 43 -8.04 4.64 3.49
C GLU C 43 -8.86 5.84 3.97
N GLU C 44 -10.16 5.62 4.18
CA GLU C 44 -11.05 6.69 4.61
C GLU C 44 -10.61 7.24 5.95
N GLN C 45 -10.32 6.32 6.88
CA GLN C 45 -9.83 6.70 8.19
C GLN C 45 -8.53 7.48 8.05
N LEU C 46 -7.65 7.01 7.19
CA LEU C 46 -6.40 7.72 6.96
C LEU C 46 -6.66 9.16 6.50
N ALA C 47 -7.58 9.32 5.55
CA ALA C 47 -7.92 10.63 5.07
C ALA C 47 -8.48 11.50 6.21
N GLU C 48 -9.40 10.93 7.00
CA GLU C 48 -9.99 11.62 8.15
C GLU C 48 -8.91 12.08 9.12
N SER C 49 -8.04 11.16 9.49
CA SER C 49 -6.91 11.47 10.35
C SER C 49 -6.08 12.61 9.79
N ARG C 50 -5.70 12.55 8.52
CA ARG C 50 -4.95 13.65 7.92
C ARG C 50 -5.66 14.99 8.09
N ARG C 51 -6.98 15.02 7.89
CA ARG C 51 -7.73 16.25 8.05
C ARG C 51 -7.67 16.73 9.48
N GLN C 52 -8.00 15.83 10.41
CA GLN C 52 -7.84 16.11 11.84
C GLN C 52 -6.49 16.76 12.14
N TYR C 53 -5.41 16.18 11.62
CA TYR C 53 -4.09 16.77 11.84
C TYR C 53 -4.00 18.16 11.26
N GLU C 54 -4.40 18.33 10.00
CA GLU C 54 -4.22 19.62 9.36
C GLU C 54 -4.98 20.72 10.10
N GLU C 55 -6.10 20.35 10.71
CA GLU C 55 -6.98 21.33 11.34
C GLU C 55 -6.60 21.69 12.76
N LYS C 56 -5.93 20.79 13.47
CA LYS C 56 -5.27 21.19 14.70
C LYS C 56 -4.11 22.09 14.33
N ASN C 57 -3.47 21.77 13.21
CA ASN C 57 -2.34 22.58 12.74
C ASN C 57 -2.73 24.04 12.48
N LYS C 58 -3.87 24.23 11.82
CA LYS C 58 -4.39 25.57 11.62
C LYS C 58 -4.61 26.20 12.98
N GLU C 59 -5.39 25.52 13.82
CA GLU C 59 -5.69 25.97 15.17
C GLU C 59 -4.42 26.40 15.90
N PHE C 60 -3.42 25.52 15.87
CA PHE C 60 -2.13 25.78 16.47
C PHE C 60 -1.57 27.13 16.02
N GLU C 61 -1.45 27.31 14.72
CA GLU C 61 -0.78 28.50 14.22
C GLU C 61 -1.63 29.77 14.31
N ARG C 62 -2.95 29.59 14.26
CA ARG C 62 -3.86 30.71 14.43
C ARG C 62 -3.78 31.23 15.86
N GLU C 63 -3.66 30.31 16.82
CA GLU C 63 -3.31 30.67 18.19
C GLU C 63 -2.01 31.45 18.21
N LYS C 64 -0.93 30.79 17.80
CA LYS C 64 0.42 31.37 17.82
C LYS C 64 0.43 32.78 17.25
N HIS C 65 -0.38 33.00 16.22
CA HIS C 65 -0.51 34.31 15.64
C HIS C 65 -1.02 35.28 16.66
N ALA C 66 -2.26 35.07 17.11
CA ALA C 66 -2.87 35.92 18.13
C ALA C 66 -1.91 36.19 19.29
N HIS C 67 -1.26 35.12 19.76
CA HIS C 67 -0.24 35.20 20.80
C HIS C 67 0.80 36.23 20.49
N SER C 68 1.37 36.17 19.29
CA SER C 68 2.41 37.14 18.89
C SER C 68 1.90 38.56 18.86
N ILE C 69 0.66 38.73 18.44
CA ILE C 69 0.08 40.05 18.35
C ILE C 69 -0.11 40.63 19.73
N LEU C 70 -0.55 39.79 20.67
CA LEU C 70 -0.62 40.21 22.06
C LEU C 70 0.78 40.56 22.58
N GLN C 71 1.77 39.69 22.32
CA GLN C 71 3.18 39.98 22.64
C GLN C 71 3.45 41.43 22.24
N PHE C 72 3.19 41.74 20.97
CA PHE C 72 3.38 43.10 20.43
C PHE C 72 2.67 44.16 21.28
N GLN C 73 1.36 43.99 21.48
CA GLN C 73 0.57 44.99 22.20
C GLN C 73 0.91 45.10 23.68
N PHE C 74 1.51 44.05 24.23
CA PHE C 74 1.84 44.03 25.65
C PHE C 74 3.12 44.81 25.87
N ALA C 75 4.07 44.63 24.98
CA ALA C 75 5.27 45.46 24.97
C ALA C 75 4.86 46.94 24.93
N GLU C 76 3.81 47.23 24.17
CA GLU C 76 3.38 48.60 23.89
C GLU C 76 2.94 49.33 25.15
N VAL C 77 2.12 48.68 25.97
CA VAL C 77 1.61 49.31 27.19
C VAL C 77 2.43 48.96 28.43
N LYS C 78 3.57 48.31 28.23
CA LYS C 78 4.56 48.24 29.29
C LYS C 78 5.41 49.51 29.23
N GLU C 79 5.76 49.92 28.01
CA GLU C 79 6.51 51.14 27.77
C GLU C 79 5.66 52.39 27.99
N ALA C 80 4.33 52.23 27.84
CA ALA C 80 3.40 53.29 28.17
C ALA C 80 3.27 53.43 29.69
N LEU C 81 3.51 52.35 30.42
CA LEU C 81 3.51 52.38 31.87
C LEU C 81 4.80 52.98 32.40
N LYS C 82 5.89 52.78 31.65
CA LYS C 82 7.18 53.34 32.04
C LYS C 82 7.16 54.87 32.04
N GLN C 83 6.34 55.45 31.15
CA GLN C 83 6.11 56.89 31.10
C GLN C 83 4.93 57.27 31.99
N LYS D 10 -16.91 -36.23 -21.11
CA LYS D 10 -17.16 -35.37 -19.91
C LYS D 10 -15.90 -35.17 -19.08
N TYR D 11 -14.98 -36.14 -19.15
CA TYR D 11 -13.72 -36.08 -18.40
C TYR D 11 -12.75 -35.03 -18.95
N LYS D 12 -12.73 -34.87 -20.28
CA LYS D 12 -11.86 -33.89 -20.93
C LYS D 12 -12.30 -32.45 -20.61
N LYS D 13 -13.60 -32.26 -20.43
CA LYS D 13 -14.17 -30.96 -20.09
C LYS D 13 -14.04 -30.65 -18.61
N ALA D 14 -13.98 -31.70 -17.78
CA ALA D 14 -13.84 -31.55 -16.34
C ALA D 14 -12.43 -31.21 -15.91
N MET D 15 -11.45 -31.95 -16.43
CA MET D 15 -10.04 -31.79 -16.05
C MET D 15 -9.44 -30.45 -16.50
N VAL D 16 -9.99 -29.90 -17.59
CA VAL D 16 -9.60 -28.57 -18.07
C VAL D 16 -10.19 -27.50 -17.16
N SER D 17 -11.47 -27.63 -16.83
CA SER D 17 -12.14 -26.75 -15.87
C SER D 17 -11.51 -26.86 -14.49
N ASN D 18 -11.14 -28.08 -14.12
CA ASN D 18 -10.43 -28.35 -12.87
C ASN D 18 -9.16 -27.52 -12.76
N ALA D 19 -8.42 -27.43 -13.87
CA ALA D 19 -7.19 -26.65 -13.92
C ALA D 19 -7.48 -25.15 -13.94
N GLN D 20 -8.65 -24.76 -14.46
CA GLN D 20 -9.06 -23.35 -14.49
C GLN D 20 -9.43 -22.85 -13.10
N LEU D 21 -10.02 -23.72 -12.29
CA LEU D 21 -10.41 -23.37 -10.93
C LEU D 21 -9.21 -23.24 -10.01
N ASP D 22 -8.23 -24.13 -10.17
CA ASP D 22 -7.03 -24.08 -9.35
C ASP D 22 -6.22 -22.80 -9.61
N ASN D 23 -6.21 -22.37 -10.87
CA ASN D 23 -5.53 -21.13 -11.26
C ASN D 23 -6.23 -19.91 -10.67
N GLU D 24 -7.56 -19.92 -10.72
CA GLU D 24 -8.36 -18.88 -10.10
C GLU D 24 -8.15 -18.89 -8.59
N LYS D 25 -8.02 -20.09 -8.03
CA LYS D 25 -7.80 -20.26 -6.60
C LYS D 25 -6.49 -19.60 -6.15
N THR D 26 -5.37 -20.03 -6.74
CA THR D 26 -4.06 -19.47 -6.39
C THR D 26 -3.99 -17.98 -6.70
N ASN D 27 -4.74 -17.58 -7.70
CA ASN D 27 -4.81 -16.19 -8.09
C ASN D 27 -5.40 -15.32 -6.97
N PHE D 28 -6.45 -15.83 -6.35
CA PHE D 28 -7.10 -15.14 -5.23
C PHE D 28 -6.24 -15.24 -3.99
N MET D 29 -5.61 -16.38 -3.81
CA MET D 29 -4.73 -16.62 -2.69
C MET D 29 -3.65 -15.55 -2.68
N TYR D 30 -3.16 -15.19 -3.87
CA TYR D 30 -2.14 -14.17 -3.95
C TYR D 30 -2.67 -12.78 -3.60
N GLN D 31 -3.93 -12.52 -3.98
CA GLN D 31 -4.59 -11.27 -3.64
C GLN D 31 -4.82 -11.11 -2.15
N VAL D 32 -5.16 -12.21 -1.47
CA VAL D 32 -5.41 -12.16 -0.03
C VAL D 32 -4.14 -11.65 0.63
N ASP D 33 -3.02 -12.23 0.22
CA ASP D 33 -1.74 -11.94 0.81
C ASP D 33 -1.28 -10.49 0.63
N THR D 34 -1.29 -9.99 -0.61
CA THR D 34 -0.83 -8.62 -0.87
C THR D 34 -1.76 -7.61 -0.20
N LEU D 35 -3.05 -7.94 -0.16
CA LEU D 35 -4.01 -7.12 0.56
C LEU D 35 -3.70 -7.09 2.06
N LYS D 36 -3.44 -8.24 2.66
CA LYS D 36 -3.10 -8.25 4.09
C LYS D 36 -1.88 -7.38 4.37
N ASP D 37 -0.90 -7.44 3.45
CA ASP D 37 0.27 -6.57 3.50
C ASP D 37 -0.09 -5.09 3.40
N MET D 38 -0.91 -4.73 2.41
CA MET D 38 -1.33 -3.34 2.26
C MET D 38 -1.95 -2.83 3.56
N LEU D 39 -2.85 -3.65 4.11
CA LEU D 39 -3.52 -3.30 5.35
C LEU D 39 -2.56 -3.02 6.52
N LEU D 40 -1.60 -3.92 6.74
CA LEU D 40 -0.62 -3.70 7.81
C LEU D 40 0.08 -2.35 7.65
N GLU D 41 0.49 -2.05 6.41
CA GLU D 41 1.18 -0.80 6.10
C GLU D 41 0.24 0.36 6.41
N LEU D 42 -1.00 0.26 5.93
CA LEU D 42 -1.96 1.33 6.08
C LEU D 42 -2.31 1.56 7.55
N GLU D 43 -2.37 0.48 8.32
CA GLU D 43 -2.51 0.60 9.77
C GLU D 43 -1.33 1.36 10.37
N GLU D 44 -0.12 1.03 9.91
CA GLU D 44 1.08 1.69 10.40
C GLU D 44 0.97 3.19 10.15
N GLN D 45 0.63 3.57 8.94
CA GLN D 45 0.53 4.99 8.57
C GLN D 45 -0.53 5.73 9.41
N LEU D 46 -1.66 5.06 9.63
CA LEU D 46 -2.74 5.60 10.42
C LEU D 46 -2.31 5.80 11.87
N ALA D 47 -1.52 4.87 12.39
CA ALA D 47 -0.98 5.02 13.75
C ALA D 47 -0.02 6.20 13.84
N GLU D 48 0.80 6.39 12.80
CA GLU D 48 1.70 7.54 12.73
C GLU D 48 0.93 8.87 12.61
N SER D 49 -0.05 8.91 11.71
CA SER D 49 -0.92 10.08 11.59
C SER D 49 -1.59 10.40 12.93
N ARG D 50 -2.11 9.38 13.59
CA ARG D 50 -2.68 9.56 14.90
C ARG D 50 -1.66 10.11 15.89
N ARG D 51 -0.42 9.64 15.80
CA ARG D 51 0.62 10.19 16.68
C ARG D 51 0.88 11.64 16.37
N GLN D 52 1.12 11.95 15.09
CA GLN D 52 1.30 13.34 14.67
C GLN D 52 0.18 14.23 15.23
N TYR D 53 -1.07 13.80 15.03
CA TYR D 53 -2.21 14.55 15.52
C TYR D 53 -2.04 14.83 16.99
N GLU D 54 -1.80 13.77 17.75
CA GLU D 54 -1.66 13.87 19.18
C GLU D 54 -0.56 14.89 19.54
N GLU D 55 0.60 14.74 18.92
CA GLU D 55 1.71 15.67 19.13
C GLU D 55 1.32 17.12 18.85
N LYS D 56 0.60 17.38 17.76
CA LYS D 56 0.17 18.75 17.48
C LYS D 56 -0.83 19.24 18.51
N ASN D 57 -1.79 18.39 18.87
CA ASN D 57 -2.78 18.74 19.90
C ASN D 57 -2.13 19.16 21.21
N LYS D 58 -1.07 18.47 21.62
CA LYS D 58 -0.33 18.83 22.82
C LYS D 58 0.32 20.20 22.65
N GLU D 59 0.86 20.45 21.45
CA GLU D 59 1.55 21.69 21.13
C GLU D 59 0.58 22.87 21.20
N PHE D 60 -0.63 22.64 20.66
CA PHE D 60 -1.72 23.59 20.71
C PHE D 60 -2.08 23.94 22.16
N GLU D 61 -2.46 22.95 22.95
CA GLU D 61 -2.76 23.14 24.38
C GLU D 61 -1.70 23.98 25.09
N ARG D 62 -0.43 23.68 24.81
CA ARG D 62 0.68 24.44 25.35
C ARG D 62 0.69 25.89 24.89
N GLU D 63 0.32 26.14 23.64
CA GLU D 63 0.30 27.52 23.15
C GLU D 63 -0.81 28.32 23.80
N LYS D 64 -2.03 27.77 23.78
CA LYS D 64 -3.15 28.31 24.54
C LYS D 64 -2.70 28.75 25.93
N HIS D 65 -2.09 27.81 26.67
CA HIS D 65 -1.59 28.07 28.01
C HIS D 65 -0.73 29.30 28.10
N ALA D 66 0.29 29.39 27.25
CA ALA D 66 1.20 30.53 27.27
C ALA D 66 0.47 31.82 26.92
N HIS D 67 -0.55 31.69 26.07
CA HIS D 67 -1.35 32.82 25.60
C HIS D 67 -2.25 33.30 26.69
N SER D 68 -2.75 32.35 27.48
CA SER D 68 -3.53 32.63 28.68
C SER D 68 -2.69 33.39 29.71
N ILE D 69 -1.44 32.96 29.88
CA ILE D 69 -0.51 33.62 30.80
C ILE D 69 -0.28 35.07 30.39
N LEU D 70 -0.04 35.32 29.10
CA LEU D 70 0.14 36.69 28.63
C LEU D 70 -1.12 37.52 28.81
N GLN D 71 -2.28 36.94 28.50
CA GLN D 71 -3.54 37.62 28.73
C GLN D 71 -3.65 38.09 30.17
N PHE D 72 -3.29 37.20 31.10
CA PHE D 72 -3.31 37.52 32.52
C PHE D 72 -2.42 38.71 32.83
N GLN D 73 -1.22 38.69 32.27
CA GLN D 73 -0.23 39.73 32.54
C GLN D 73 -0.64 41.05 31.91
N PHE D 74 -1.18 40.99 30.70
CA PHE D 74 -1.66 42.16 29.99
C PHE D 74 -2.76 42.83 30.81
N ALA D 75 -3.65 42.00 31.34
CA ALA D 75 -4.74 42.45 32.20
C ALA D 75 -4.23 43.18 33.44
N GLU D 76 -3.18 42.65 34.04
CA GLU D 76 -2.65 43.22 35.28
C GLU D 76 -1.89 44.52 35.06
N VAL D 77 -1.29 44.67 33.89
CA VAL D 77 -0.63 45.91 33.51
C VAL D 77 -1.66 46.97 33.09
N LYS D 78 -2.70 46.54 32.36
CA LYS D 78 -3.80 47.44 32.00
C LYS D 78 -4.46 47.99 33.24
N GLU D 79 -4.48 47.19 34.31
CA GLU D 79 -5.09 47.57 35.58
C GLU D 79 -4.27 48.66 36.27
N ALA D 80 -2.99 48.38 36.52
CA ALA D 80 -2.08 49.32 37.18
C ALA D 80 -1.97 50.65 36.42
N LEU D 81 -2.08 50.60 35.10
CA LEU D 81 -1.99 51.79 34.24
C LEU D 81 -3.06 52.83 34.56
N LYS D 82 -4.19 52.38 35.10
CA LYS D 82 -5.23 53.30 35.57
C LYS D 82 -4.83 54.11 36.82
N GLN D 83 -3.78 53.65 37.50
CA GLN D 83 -3.19 54.39 38.63
C GLN D 83 -1.81 54.89 38.26
#